data_1OIG
#
_entry.id   1OIG
#
_cell.length_a   1.000
_cell.length_b   1.000
_cell.length_c   1.000
_cell.angle_alpha   90.00
_cell.angle_beta   90.00
_cell.angle_gamma   90.00
#
_symmetry.space_group_name_H-M   'P 1'
#
_entity_poly.entity_id   1
_entity_poly.type   'polypeptide(L)'
_entity_poly.pdbx_seq_one_letter_code
;RPECVLNSDCPSNQACVNQKCRDP
;
_entity_poly.pdbx_strand_id   A
#
# COMPACT_ATOMS: atom_id res chain seq x y z
N ARG A 1 9.12 2.40 10.68
CA ARG A 1 8.71 3.37 9.65
C ARG A 1 8.25 2.67 8.37
N PRO A 2 6.96 2.32 8.29
CA PRO A 2 6.39 1.64 7.13
C PRO A 2 6.22 2.59 5.94
N GLU A 3 6.16 2.01 4.73
CA GLU A 3 5.99 2.81 3.52
C GLU A 3 4.51 2.94 3.15
N CYS A 4 3.70 2.01 3.63
CA CYS A 4 2.27 2.03 3.34
C CYS A 4 1.46 1.60 4.57
N VAL A 5 0.20 2.00 4.59
CA VAL A 5 -0.70 1.66 5.68
C VAL A 5 -2.02 1.12 5.14
N LEU A 6 -2.84 2.02 4.61
CA LEU A 6 -4.13 1.66 4.05
C LEU A 6 -4.00 1.36 2.56
N ASN A 7 -4.89 0.52 2.05
CA ASN A 7 -4.89 0.17 0.64
C ASN A 7 -5.02 1.42 -0.22
N SER A 8 -6.07 2.19 0.04
CA SER A 8 -6.30 3.44 -0.69
C SER A 8 -5.16 4.42 -0.48
N ASP A 9 -4.37 4.19 0.56
CA ASP A 9 -3.24 5.07 0.87
C ASP A 9 -2.39 5.34 -0.37
N CYS A 10 -2.26 4.33 -1.23
CA CYS A 10 -1.49 4.48 -2.45
C CYS A 10 -2.39 4.85 -3.62
N PRO A 11 -1.82 4.99 -4.83
CA PRO A 11 -2.56 5.35 -6.02
C PRO A 11 -3.07 4.12 -6.79
N SER A 12 -3.77 4.37 -7.89
CA SER A 12 -4.30 3.30 -8.72
C SER A 12 -5.00 2.23 -7.87
N ASN A 13 -5.58 2.66 -6.75
CA ASN A 13 -6.28 1.75 -5.86
C ASN A 13 -5.40 0.56 -5.50
N GLN A 14 -4.09 0.78 -5.50
CA GLN A 14 -3.13 -0.28 -5.17
C GLN A 14 -3.49 -0.93 -3.84
N ALA A 15 -2.64 -1.85 -3.38
CA ALA A 15 -2.87 -2.54 -2.12
C ALA A 15 -1.68 -2.38 -1.19
N CYS A 16 -1.90 -2.62 0.10
CA CYS A 16 -0.84 -2.51 1.10
C CYS A 16 -0.28 -3.90 1.43
N VAL A 17 0.97 -4.12 1.07
CA VAL A 17 1.61 -5.40 1.33
C VAL A 17 2.95 -5.21 2.04
N ASN A 18 3.14 -5.91 3.16
CA ASN A 18 4.38 -5.81 3.92
C ASN A 18 4.70 -4.36 4.24
N GLN A 19 3.82 -3.72 5.00
CA GLN A 19 4.01 -2.31 5.38
C GLN A 19 4.50 -1.47 4.21
N LYS A 20 4.06 -1.85 3.01
CA LYS A 20 4.46 -1.12 1.80
C LYS A 20 3.46 -1.37 0.68
N CYS A 21 3.20 -0.34 -0.13
CA CYS A 21 2.27 -0.45 -1.23
C CYS A 21 2.59 -1.66 -2.10
N ARG A 22 1.61 -2.10 -2.88
CA ARG A 22 1.80 -3.26 -3.75
C ARG A 22 0.57 -3.49 -4.63
N ASP A 23 0.55 -4.64 -5.30
CA ASP A 23 -0.57 -4.99 -6.17
C ASP A 23 -1.62 -5.79 -5.40
N PRO A 24 -2.91 -5.45 -5.57
CA PRO A 24 -4.01 -6.13 -4.88
C PRO A 24 -3.98 -7.64 -5.13
N ARG A 1 9.66 0.37 11.25
CA ARG A 1 9.06 1.53 10.52
C ARG A 1 8.45 1.08 9.19
N PRO A 2 7.13 0.82 9.16
CA PRO A 2 6.45 0.39 7.94
C PRO A 2 6.48 1.46 6.86
N GLU A 3 6.11 1.08 5.65
CA GLU A 3 6.10 2.02 4.52
C GLU A 3 4.71 2.60 4.29
N CYS A 4 3.69 1.80 4.58
CA CYS A 4 2.31 2.24 4.40
C CYS A 4 1.40 1.62 5.45
N VAL A 5 0.13 2.04 5.45
CA VAL A 5 -0.85 1.52 6.39
C VAL A 5 -2.12 1.09 5.67
N LEU A 6 -2.87 2.05 5.14
CA LEU A 6 -4.10 1.77 4.43
C LEU A 6 -3.86 1.69 2.93
N ASN A 7 -4.62 0.84 2.26
CA ASN A 7 -4.50 0.68 0.82
C ASN A 7 -4.72 2.02 0.13
N SER A 8 -5.59 2.83 0.71
CA SER A 8 -5.89 4.15 0.18
C SER A 8 -4.62 5.01 0.10
N ASP A 9 -3.59 4.62 0.85
CA ASP A 9 -2.33 5.34 0.86
C ASP A 9 -1.87 5.64 -0.56
N CYS A 10 -1.98 4.66 -1.44
CA CYS A 10 -1.59 4.81 -2.84
C CYS A 10 -2.83 4.75 -3.72
N PRO A 11 -2.65 4.79 -5.05
CA PRO A 11 -3.78 4.74 -6.00
C PRO A 11 -4.56 3.44 -5.90
N SER A 12 -5.83 3.48 -6.29
CA SER A 12 -6.68 2.29 -6.25
C SER A 12 -5.98 1.07 -6.83
N ASN A 13 -5.38 1.25 -8.00
CA ASN A 13 -4.67 0.18 -8.68
C ASN A 13 -3.63 -0.45 -7.75
N GLN A 14 -3.03 0.37 -6.90
CA GLN A 14 -2.02 -0.11 -5.95
C GLN A 14 -2.67 -0.54 -4.65
N ALA A 15 -1.88 -1.16 -3.78
CA ALA A 15 -2.38 -1.62 -2.49
C ALA A 15 -1.29 -1.59 -1.43
N CYS A 16 -1.63 -2.05 -0.23
CA CYS A 16 -0.68 -2.07 0.88
C CYS A 16 -0.30 -3.51 1.23
N VAL A 17 0.78 -4.00 0.63
CA VAL A 17 1.23 -5.35 0.87
C VAL A 17 2.44 -5.35 1.80
N ASN A 18 2.33 -6.08 2.90
CA ASN A 18 3.42 -6.15 3.88
C ASN A 18 3.89 -4.76 4.25
N GLN A 19 2.97 -3.94 4.76
CA GLN A 19 3.29 -2.58 5.16
C GLN A 19 4.07 -1.86 4.06
N LYS A 20 3.81 -2.23 2.81
CA LYS A 20 4.48 -1.63 1.67
C LYS A 20 3.47 -1.22 0.60
N CYS A 21 3.88 -0.29 -0.26
CA CYS A 21 3.01 0.18 -1.33
C CYS A 21 3.33 -0.50 -2.65
N ARG A 22 2.39 -1.29 -3.16
CA ARG A 22 2.59 -2.02 -4.41
C ARG A 22 1.28 -2.62 -4.91
N ASP A 23 1.28 -3.07 -6.15
CA ASP A 23 0.10 -3.68 -6.75
C ASP A 23 -0.48 -4.76 -5.83
N PRO A 24 -1.82 -4.82 -5.71
CA PRO A 24 -2.48 -5.81 -4.86
C PRO A 24 -1.96 -7.22 -5.08
N ARG A 1 7.78 1.56 12.07
CA ARG A 1 7.99 2.56 11.00
C ARG A 1 7.71 1.97 9.61
N PRO A 2 6.42 1.67 9.33
CA PRO A 2 6.03 1.09 8.04
C PRO A 2 6.00 2.13 6.93
N GLU A 3 5.88 1.66 5.69
CA GLU A 3 5.84 2.55 4.53
C GLU A 3 4.41 2.75 4.05
N CYS A 4 3.54 1.78 4.35
CA CYS A 4 2.14 1.86 3.96
C CYS A 4 1.24 1.30 5.05
N VAL A 5 0.08 1.92 5.24
CA VAL A 5 -0.87 1.47 6.25
C VAL A 5 -2.21 1.12 5.63
N LEU A 6 -2.96 2.14 5.21
CA LEU A 6 -4.27 1.93 4.60
C LEU A 6 -4.14 1.81 3.10
N ASN A 7 -4.97 0.94 2.51
CA ASN A 7 -4.96 0.74 1.07
C ASN A 7 -5.02 2.07 0.33
N SER A 8 -5.71 3.03 0.95
CA SER A 8 -5.86 4.36 0.36
C SER A 8 -4.50 5.05 0.24
N ASP A 9 -3.54 4.62 1.07
CA ASP A 9 -2.20 5.20 1.05
C ASP A 9 -1.64 5.19 -0.37
N CYS A 10 -1.92 4.13 -1.12
CA CYS A 10 -1.44 4.00 -2.48
C CYS A 10 -2.59 4.20 -3.47
N PRO A 11 -2.28 4.39 -4.76
CA PRO A 11 -3.30 4.60 -5.80
C PRO A 11 -4.30 3.45 -5.85
N SER A 12 -5.49 3.72 -6.38
CA SER A 12 -6.53 2.71 -6.48
C SER A 12 -6.00 1.42 -7.10
N ASN A 13 -5.27 1.56 -8.20
CA ASN A 13 -4.70 0.41 -8.88
C ASN A 13 -3.82 -0.42 -7.95
N GLN A 14 -3.02 0.26 -7.15
CA GLN A 14 -2.13 -0.41 -6.21
C GLN A 14 -2.81 -0.66 -4.88
N ALA A 15 -2.11 -1.31 -3.96
CA ALA A 15 -2.66 -1.62 -2.64
C ALA A 15 -1.55 -1.64 -1.59
N CYS A 16 -1.91 -2.06 -0.39
CA CYS A 16 -0.95 -2.15 0.71
C CYS A 16 -0.49 -3.58 0.94
N VAL A 17 0.81 -3.80 0.81
CA VAL A 17 1.39 -5.12 1.01
C VAL A 17 2.65 -5.05 1.86
N ASN A 18 2.67 -5.83 2.94
CA ASN A 18 3.82 -5.85 3.84
C ASN A 18 4.25 -4.44 4.21
N GLN A 19 3.33 -3.70 4.83
CA GLN A 19 3.60 -2.33 5.24
C GLN A 19 4.25 -1.53 4.11
N LYS A 20 3.97 -1.93 2.88
CA LYS A 20 4.54 -1.26 1.71
C LYS A 20 3.55 -1.27 0.55
N CYS A 21 3.55 -0.21 -0.25
CA CYS A 21 2.65 -0.10 -1.39
C CYS A 21 3.01 -1.12 -2.46
N ARG A 22 1.99 -1.68 -3.11
CA ARG A 22 2.20 -2.68 -4.15
C ARG A 22 0.86 -3.19 -4.69
N ASP A 23 0.91 -3.82 -5.86
CA ASP A 23 -0.30 -4.35 -6.49
C ASP A 23 -0.91 -5.45 -5.62
N PRO A 24 -2.26 -5.50 -5.55
CA PRO A 24 -2.97 -6.51 -4.75
C PRO A 24 -2.75 -7.92 -5.27
N ARG A 1 10.70 -0.10 9.85
CA ARG A 1 9.68 0.99 9.70
C ARG A 1 8.77 0.71 8.51
N PRO A 2 7.46 0.99 8.66
CA PRO A 2 6.48 0.76 7.60
C PRO A 2 6.46 1.88 6.57
N GLU A 3 6.15 1.54 5.33
CA GLU A 3 6.08 2.52 4.25
C GLU A 3 4.65 2.83 3.87
N CYS A 4 3.71 2.02 4.35
CA CYS A 4 2.30 2.21 4.06
C CYS A 4 1.43 1.59 5.16
N VAL A 5 0.20 2.09 5.29
CA VAL A 5 -0.73 1.59 6.29
C VAL A 5 -2.02 1.08 5.64
N LEU A 6 -2.88 2.01 5.25
CA LEU A 6 -4.15 1.66 4.63
C LEU A 6 -3.99 1.47 3.12
N ASN A 7 -4.94 0.79 2.50
CA ASN A 7 -4.90 0.54 1.07
C ASN A 7 -4.98 1.86 0.30
N SER A 8 -5.83 2.76 0.77
CA SER A 8 -6.01 4.06 0.14
C SER A 8 -4.70 4.83 0.12
N ASP A 9 -3.78 4.46 1.01
CA ASP A 9 -2.48 5.12 1.10
C ASP A 9 -1.83 5.25 -0.29
N CYS A 10 -1.93 4.19 -1.08
CA CYS A 10 -1.37 4.19 -2.42
C CYS A 10 -2.42 4.64 -3.43
N PRO A 11 -2.05 4.68 -4.73
CA PRO A 11 -2.94 5.10 -5.80
C PRO A 11 -3.87 3.99 -6.26
N SER A 12 -4.88 4.35 -7.05
CA SER A 12 -5.84 3.38 -7.55
C SER A 12 -5.12 2.20 -8.20
N ASN A 13 -5.77 1.03 -8.17
CA ASN A 13 -5.19 -0.17 -8.74
C ASN A 13 -4.06 -0.74 -7.88
N GLN A 14 -3.80 -0.11 -6.74
CA GLN A 14 -2.74 -0.56 -5.83
C GLN A 14 -3.31 -0.86 -4.45
N ALA A 15 -2.46 -1.40 -3.57
CA ALA A 15 -2.89 -1.73 -2.22
C ALA A 15 -1.73 -1.60 -1.24
N CYS A 16 -1.94 -2.09 -0.01
CA CYS A 16 -0.92 -2.02 1.02
C CYS A 16 -0.50 -3.42 1.45
N VAL A 17 0.65 -3.86 0.94
CA VAL A 17 1.18 -5.18 1.28
C VAL A 17 2.56 -5.07 1.92
N ASN A 18 2.83 -5.94 2.89
CA ASN A 18 4.11 -5.94 3.59
C ASN A 18 4.48 -4.53 4.04
N GLN A 19 3.54 -3.87 4.70
CA GLN A 19 3.76 -2.52 5.18
C GLN A 19 4.31 -1.63 4.08
N LYS A 20 3.97 -1.95 2.83
CA LYS A 20 4.42 -1.19 1.68
C LYS A 20 3.39 -1.20 0.56
N CYS A 21 3.52 -0.27 -0.37
CA CYS A 21 2.60 -0.17 -1.49
C CYS A 21 2.96 -1.16 -2.59
N ARG A 22 1.96 -1.88 -3.09
CA ARG A 22 2.17 -2.86 -4.15
C ARG A 22 0.94 -2.99 -5.03
N ASP A 23 1.01 -3.89 -6.00
CA ASP A 23 -0.10 -4.11 -6.93
C ASP A 23 -0.61 -5.55 -6.84
N PRO A 24 -1.67 -5.79 -6.05
CA PRO A 24 -2.25 -7.12 -5.88
C PRO A 24 -2.89 -7.64 -7.16
N ARG A 1 10.86 3.69 8.57
CA ARG A 1 9.42 4.01 8.37
C ARG A 1 8.82 3.14 7.26
N PRO A 2 7.54 2.76 7.41
CA PRO A 2 6.85 1.92 6.43
C PRO A 2 6.45 2.69 5.17
N GLU A 3 6.25 1.97 4.07
CA GLU A 3 5.87 2.60 2.82
C GLU A 3 4.41 3.04 2.86
N CYS A 4 3.61 2.34 3.66
CA CYS A 4 2.19 2.67 3.78
C CYS A 4 1.50 1.74 4.78
N VAL A 5 0.20 1.94 4.95
CA VAL A 5 -0.59 1.12 5.87
C VAL A 5 -1.80 0.54 5.15
N LEU A 6 -2.74 1.42 4.78
CA LEU A 6 -3.95 1.01 4.08
C LEU A 6 -3.70 0.92 2.58
N ASN A 7 -4.56 0.17 1.89
CA ASN A 7 -4.44 0.01 0.44
C ASN A 7 -4.62 1.35 -0.28
N SER A 8 -5.68 2.08 0.11
CA SER A 8 -5.96 3.37 -0.49
C SER A 8 -4.77 4.31 -0.38
N ASP A 9 -3.85 4.01 0.55
CA ASP A 9 -2.67 4.83 0.76
C ASP A 9 -2.03 5.24 -0.57
N CYS A 10 -1.97 4.32 -1.51
CA CYS A 10 -1.39 4.59 -2.82
C CYS A 10 -2.46 5.10 -3.78
N PRO A 11 -2.07 5.39 -5.04
CA PRO A 11 -2.99 5.89 -6.07
C PRO A 11 -3.77 4.77 -6.74
N SER A 12 -4.47 5.12 -7.82
CA SER A 12 -5.27 4.16 -8.58
C SER A 12 -6.11 3.27 -7.64
N ASN A 13 -5.57 2.12 -7.27
CA ASN A 13 -6.27 1.20 -6.40
C ASN A 13 -5.32 0.10 -5.93
N GLN A 14 -4.04 0.44 -5.81
CA GLN A 14 -3.03 -0.51 -5.37
C GLN A 14 -3.31 -0.99 -3.96
N ALA A 15 -2.53 -1.95 -3.49
CA ALA A 15 -2.68 -2.49 -2.15
C ALA A 15 -1.38 -2.36 -1.36
N CYS A 16 -1.50 -2.25 -0.04
CA CYS A 16 -0.33 -2.11 0.82
C CYS A 16 -0.12 -3.35 1.68
N VAL A 17 0.83 -4.18 1.28
CA VAL A 17 1.15 -5.40 2.01
C VAL A 17 2.50 -5.28 2.69
N ASN A 18 2.57 -5.72 3.95
CA ASN A 18 3.81 -5.67 4.71
C ASN A 18 4.31 -4.23 4.83
N GLN A 19 3.41 -3.33 5.17
CA GLN A 19 3.75 -1.91 5.32
C GLN A 19 4.35 -1.33 4.05
N LYS A 20 3.96 -1.90 2.91
CA LYS A 20 4.48 -1.43 1.62
C LYS A 20 3.43 -1.63 0.53
N CYS A 21 3.44 -0.75 -0.47
CA CYS A 21 2.50 -0.82 -1.57
C CYS A 21 2.84 -1.97 -2.51
N ARG A 22 1.85 -2.40 -3.30
CA ARG A 22 2.02 -3.49 -4.25
C ARG A 22 0.82 -3.60 -5.16
N ASP A 23 0.98 -4.26 -6.30
CA ASP A 23 -0.10 -4.43 -7.26
C ASP A 23 -0.88 -5.71 -6.97
N PRO A 24 -2.15 -5.58 -6.54
CA PRO A 24 -3.00 -6.75 -6.23
C PRO A 24 -3.29 -7.58 -7.47
N ARG A 1 10.08 2.88 10.52
CA ARG A 1 8.63 3.05 10.25
C ARG A 1 8.22 2.36 8.96
N PRO A 2 6.94 1.97 8.84
CA PRO A 2 6.42 1.29 7.66
C PRO A 2 6.27 2.24 6.47
N GLU A 3 6.06 1.67 5.28
CA GLU A 3 5.90 2.47 4.07
C GLU A 3 4.46 2.93 3.91
N CYS A 4 3.52 2.03 4.15
CA CYS A 4 2.10 2.35 4.01
C CYS A 4 1.27 1.63 5.07
N VAL A 5 -0.04 1.84 5.02
CA VAL A 5 -0.96 1.20 5.96
C VAL A 5 -2.20 0.72 5.25
N LEU A 6 -3.04 1.66 4.83
CA LEU A 6 -4.27 1.34 4.13
C LEU A 6 -4.05 1.32 2.62
N ASN A 7 -4.73 0.42 1.93
CA ASN A 7 -4.61 0.30 0.49
C ASN A 7 -4.77 1.65 -0.20
N SER A 8 -5.72 2.43 0.28
CA SER A 8 -5.98 3.77 -0.27
C SER A 8 -4.72 4.63 -0.25
N ASP A 9 -3.77 4.26 0.61
CA ASP A 9 -2.52 5.00 0.73
C ASP A 9 -1.94 5.35 -0.64
N CYS A 10 -1.97 4.38 -1.56
CA CYS A 10 -1.45 4.59 -2.90
C CYS A 10 -2.57 5.05 -3.83
N PRO A 11 -2.25 5.29 -5.11
CA PRO A 11 -3.20 5.74 -6.11
C PRO A 11 -3.86 4.59 -6.87
N SER A 12 -4.56 4.93 -7.95
CA SER A 12 -5.24 3.94 -8.77
C SER A 12 -6.09 2.99 -7.93
N ASN A 13 -5.51 1.86 -7.53
CA ASN A 13 -6.22 0.89 -6.71
C ASN A 13 -5.25 -0.12 -6.13
N GLN A 14 -4.02 0.32 -5.90
CA GLN A 14 -2.99 -0.55 -5.34
C GLN A 14 -3.35 -0.98 -3.92
N ALA A 15 -2.46 -1.76 -3.30
CA ALA A 15 -2.68 -2.23 -1.95
C ALA A 15 -1.42 -2.06 -1.11
N CYS A 16 -1.55 -2.33 0.18
CA CYS A 16 -0.41 -2.21 1.10
C CYS A 16 -0.07 -3.56 1.71
N VAL A 17 0.99 -4.19 1.20
CA VAL A 17 1.43 -5.49 1.69
C VAL A 17 2.76 -5.35 2.41
N ASN A 18 2.85 -5.95 3.59
CA ASN A 18 4.08 -5.90 4.39
C ASN A 18 4.51 -4.46 4.59
N GLN A 19 3.57 -3.61 4.98
CA GLN A 19 3.85 -2.20 5.22
C GLN A 19 4.53 -1.55 4.01
N LYS A 20 4.23 -2.06 2.83
CA LYS A 20 4.80 -1.53 1.60
C LYS A 20 3.80 -1.67 0.45
N CYS A 21 3.53 -0.55 -0.22
CA CYS A 21 2.59 -0.55 -1.34
C CYS A 21 2.93 -1.65 -2.35
N ARG A 22 1.90 -2.13 -3.05
CA ARG A 22 2.08 -3.18 -4.05
C ARG A 22 1.04 -3.07 -5.14
N ASP A 23 1.15 -3.91 -6.16
CA ASP A 23 0.21 -3.92 -7.27
C ASP A 23 -0.57 -5.23 -7.32
N PRO A 24 -1.75 -5.28 -6.69
CA PRO A 24 -2.59 -6.48 -6.67
C PRO A 24 -3.21 -6.78 -8.03
N ARG A 1 11.53 1.58 8.77
CA ARG A 1 10.08 1.93 8.81
C ARG A 1 9.34 1.36 7.61
N PRO A 2 8.02 1.16 7.73
CA PRO A 2 7.19 0.62 6.65
C PRO A 2 7.02 1.60 5.50
N GLU A 3 6.57 1.10 4.36
CA GLU A 3 6.35 1.94 3.18
C GLU A 3 4.95 2.56 3.21
N CYS A 4 4.00 1.84 3.80
CA CYS A 4 2.63 2.32 3.90
C CYS A 4 1.89 1.62 5.04
N VAL A 5 0.64 2.01 5.27
CA VAL A 5 -0.17 1.41 6.32
C VAL A 5 -1.51 0.94 5.80
N LEU A 6 -2.32 1.88 5.31
CA LEU A 6 -3.64 1.56 4.79
C LEU A 6 -3.62 1.49 3.26
N ASN A 7 -4.45 0.59 2.71
CA ASN A 7 -4.54 0.44 1.26
C ASN A 7 -4.86 1.77 0.61
N SER A 8 -5.73 2.54 1.26
CA SER A 8 -6.13 3.85 0.75
C SER A 8 -4.92 4.76 0.55
N ASP A 9 -3.80 4.42 1.20
CA ASP A 9 -2.58 5.20 1.08
C ASP A 9 -2.28 5.52 -0.38
N CYS A 10 -2.36 4.50 -1.23
CA CYS A 10 -2.09 4.66 -2.64
C CYS A 10 -3.40 4.57 -3.44
N PRO A 11 -3.33 4.62 -4.78
CA PRO A 11 -4.51 4.54 -5.63
C PRO A 11 -4.89 3.11 -5.98
N SER A 12 -6.05 2.93 -6.61
CA SER A 12 -6.53 1.60 -6.98
C SER A 12 -5.43 0.82 -7.70
N ASN A 13 -4.62 1.52 -8.48
CA ASN A 13 -3.53 0.90 -9.23
C ASN A 13 -2.61 0.13 -8.29
N GLN A 14 -2.37 0.69 -7.11
CA GLN A 14 -1.50 0.06 -6.13
C GLN A 14 -2.26 -0.30 -4.86
N ALA A 15 -1.61 -1.04 -3.98
CA ALA A 15 -2.22 -1.45 -2.72
C ALA A 15 -1.20 -1.45 -1.59
N CYS A 16 -1.70 -1.39 -0.35
CA CYS A 16 -0.83 -1.39 0.81
C CYS A 16 -0.70 -2.79 1.39
N VAL A 17 0.16 -3.60 0.80
CA VAL A 17 0.38 -4.96 1.26
C VAL A 17 1.76 -5.08 1.90
N ASN A 18 1.87 -5.93 2.92
CA ASN A 18 3.12 -6.12 3.62
C ASN A 18 3.67 -4.76 4.09
N GLN A 19 2.79 -3.97 4.69
CA GLN A 19 3.16 -2.64 5.18
C GLN A 19 3.97 -1.87 4.14
N LYS A 20 3.70 -2.15 2.87
CA LYS A 20 4.39 -1.48 1.77
C LYS A 20 3.51 -1.39 0.54
N CYS A 21 3.54 -0.23 -0.12
CA CYS A 21 2.74 0.00 -1.31
C CYS A 21 3.30 -0.79 -2.50
N ARG A 22 2.51 -1.74 -2.99
CA ARG A 22 2.92 -2.56 -4.12
C ARG A 22 1.84 -2.59 -5.20
N ASP A 23 2.09 -3.34 -6.26
CA ASP A 23 1.15 -3.45 -7.36
C ASP A 23 0.65 -4.88 -7.51
N PRO A 24 -0.31 -5.29 -6.66
CA PRO A 24 -0.88 -6.65 -6.70
C PRO A 24 -1.46 -7.00 -8.07
N ARG A 1 9.15 -1.40 11.73
CA ARG A 1 7.95 -0.57 11.46
C ARG A 1 7.52 -0.66 10.00
N PRO A 2 6.22 -0.43 9.73
CA PRO A 2 5.68 -0.48 8.37
C PRO A 2 5.94 0.80 7.59
N GLU A 3 5.78 0.71 6.27
CA GLU A 3 5.98 1.88 5.41
C GLU A 3 4.66 2.55 5.09
N CYS A 4 3.60 1.73 4.98
CA CYS A 4 2.27 2.25 4.69
C CYS A 4 1.28 1.81 5.78
N VAL A 5 0.01 2.17 5.60
CA VAL A 5 -1.01 1.81 6.56
C VAL A 5 -2.33 1.45 5.87
N LEU A 6 -2.93 2.43 5.20
CA LEU A 6 -4.19 2.23 4.52
C LEU A 6 -3.98 1.97 3.03
N ASN A 7 -4.87 1.18 2.44
CA ASN A 7 -4.77 0.86 1.02
C ASN A 7 -4.90 2.15 0.21
N SER A 8 -5.75 3.06 0.69
CA SER A 8 -5.96 4.33 0.03
C SER A 8 -4.65 5.10 -0.11
N ASP A 9 -3.65 4.73 0.70
CA ASP A 9 -2.35 5.38 0.66
C ASP A 9 -1.89 5.58 -0.78
N CYS A 10 -2.04 4.54 -1.59
CA CYS A 10 -1.65 4.58 -2.99
C CYS A 10 -2.89 4.47 -3.87
N PRO A 11 -2.78 4.81 -5.16
CA PRO A 11 -3.89 4.73 -6.12
C PRO A 11 -4.67 3.42 -6.00
N SER A 12 -5.93 3.45 -6.40
CA SER A 12 -6.78 2.26 -6.32
C SER A 12 -6.09 1.05 -6.94
N ASN A 13 -5.33 1.29 -8.00
CA ASN A 13 -4.60 0.23 -8.68
C ASN A 13 -3.66 -0.50 -7.72
N GLN A 14 -2.87 0.28 -6.98
CA GLN A 14 -1.93 -0.29 -6.04
C GLN A 14 -2.62 -0.66 -4.71
N ALA A 15 -1.82 -1.08 -3.74
CA ALA A 15 -2.34 -1.47 -2.44
C ALA A 15 -1.24 -1.45 -1.38
N CYS A 16 -1.53 -2.05 -0.24
CA CYS A 16 -0.56 -2.11 0.86
C CYS A 16 -0.12 -3.54 1.11
N VAL A 17 0.96 -3.94 0.45
CA VAL A 17 1.50 -5.29 0.60
C VAL A 17 2.71 -5.29 1.54
N ASN A 18 2.77 -6.30 2.40
CA ASN A 18 3.87 -6.44 3.35
C ASN A 18 4.20 -5.09 4.00
N GLN A 19 3.19 -4.45 4.56
CA GLN A 19 3.37 -3.16 5.21
C GLN A 19 4.08 -2.17 4.29
N LYS A 20 3.89 -2.37 2.97
CA LYS A 20 4.50 -1.49 1.99
C LYS A 20 3.59 -1.33 0.78
N CYS A 21 3.67 -0.16 0.13
CA CYS A 21 2.84 0.12 -1.03
C CYS A 21 3.15 -0.85 -2.17
N ARG A 22 2.12 -1.52 -2.66
CA ARG A 22 2.28 -2.48 -3.75
C ARG A 22 0.92 -3.05 -4.16
N ASP A 23 0.83 -3.50 -5.40
CA ASP A 23 -0.41 -4.07 -5.92
C ASP A 23 -0.88 -5.24 -5.04
N PRO A 24 -2.19 -5.52 -5.05
CA PRO A 24 -2.77 -6.61 -4.26
C PRO A 24 -2.44 -7.99 -4.84
N ARG A 1 9.96 2.73 10.16
CA ARG A 1 8.59 3.14 9.75
C ARG A 1 8.15 2.41 8.48
N PRO A 2 6.90 1.92 8.44
CA PRO A 2 6.37 1.21 7.27
C PRO A 2 6.14 2.14 6.09
N GLU A 3 6.13 1.59 4.89
CA GLU A 3 5.91 2.37 3.68
C GLU A 3 4.48 2.89 3.62
N CYS A 4 3.52 2.03 3.92
CA CYS A 4 2.11 2.43 3.90
C CYS A 4 1.32 1.71 4.97
N VAL A 5 -0.01 1.88 4.93
CA VAL A 5 -0.89 1.25 5.90
C VAL A 5 -2.22 0.88 5.24
N LEU A 6 -3.01 1.89 4.91
CA LEU A 6 -4.30 1.67 4.27
C LEU A 6 -4.16 1.67 2.75
N ASN A 7 -5.00 0.88 2.08
CA ASN A 7 -4.95 0.81 0.62
C ASN A 7 -5.04 2.20 0.00
N SER A 8 -6.00 2.98 0.48
CA SER A 8 -6.20 4.34 -0.01
C SER A 8 -4.91 5.15 0.04
N ASP A 9 -3.98 4.73 0.90
CA ASP A 9 -2.70 5.42 1.04
C ASP A 9 -2.11 5.78 -0.32
N CYS A 10 -2.05 4.79 -1.22
CA CYS A 10 -1.52 5.00 -2.54
C CYS A 10 -2.64 4.87 -3.59
N PRO A 11 -2.30 4.94 -4.89
CA PRO A 11 -3.31 4.84 -5.96
C PRO A 11 -4.17 3.59 -5.82
N SER A 12 -5.46 3.74 -6.15
CA SER A 12 -6.41 2.62 -6.06
C SER A 12 -5.81 1.34 -6.60
N ASN A 13 -5.15 1.44 -7.74
CA ASN A 13 -4.53 0.27 -8.38
C ASN A 13 -3.65 -0.48 -7.38
N GLN A 14 -2.72 0.24 -6.77
CA GLN A 14 -1.81 -0.37 -5.80
C GLN A 14 -2.56 -0.82 -4.54
N ALA A 15 -1.82 -1.43 -3.62
CA ALA A 15 -2.40 -1.92 -2.37
C ALA A 15 -1.36 -1.98 -1.26
N CYS A 16 -1.82 -1.98 -0.02
CA CYS A 16 -0.91 -2.03 1.12
C CYS A 16 -0.63 -3.48 1.52
N VAL A 17 0.56 -3.95 1.14
CA VAL A 17 0.97 -5.32 1.47
C VAL A 17 2.41 -5.35 1.96
N ASN A 18 2.64 -6.01 3.09
CA ASN A 18 3.98 -6.11 3.67
C ASN A 18 4.48 -4.73 4.07
N GLN A 19 3.61 -3.96 4.72
CA GLN A 19 3.96 -2.62 5.17
C GLN A 19 4.46 -1.76 4.01
N LYS A 20 4.12 -2.17 2.79
CA LYS A 20 4.55 -1.44 1.59
C LYS A 20 3.39 -1.31 0.61
N CYS A 21 3.65 -0.66 -0.53
CA CYS A 21 2.63 -0.48 -1.54
C CYS A 21 3.07 -1.07 -2.88
N ARG A 22 2.39 -2.13 -3.30
CA ARG A 22 2.71 -2.79 -4.55
C ARG A 22 1.44 -3.26 -5.26
N ASP A 23 1.60 -3.95 -6.38
CA ASP A 23 0.47 -4.46 -7.14
C ASP A 23 0.02 -5.81 -6.61
N PRO A 24 -1.26 -5.96 -6.24
CA PRO A 24 -1.80 -7.22 -5.70
C PRO A 24 -1.94 -8.29 -6.78
N ARG A 1 11.40 0.28 8.58
CA ARG A 1 10.10 0.97 8.80
C ARG A 1 9.12 0.65 7.68
N PRO A 2 7.82 0.93 7.90
CA PRO A 2 6.76 0.68 6.91
C PRO A 2 6.63 1.82 5.91
N GLU A 3 6.18 1.48 4.70
CA GLU A 3 6.01 2.49 3.65
C GLU A 3 4.57 3.01 3.63
N CYS A 4 3.64 2.22 4.15
CA CYS A 4 2.23 2.62 4.18
C CYS A 4 1.45 1.75 5.16
N VAL A 5 0.12 1.87 5.10
CA VAL A 5 -0.76 1.10 5.98
C VAL A 5 -2.07 0.73 5.29
N LEU A 6 -2.88 1.75 4.99
CA LEU A 6 -4.16 1.52 4.34
C LEU A 6 -4.04 1.55 2.82
N ASN A 7 -4.84 0.73 2.14
CA ASN A 7 -4.81 0.66 0.68
C ASN A 7 -4.92 2.07 0.09
N SER A 8 -5.64 2.94 0.78
CA SER A 8 -5.83 4.31 0.33
C SER A 8 -4.50 5.04 0.29
N ASP A 9 -3.55 4.59 1.11
CA ASP A 9 -2.22 5.20 1.16
C ASP A 9 -1.63 5.33 -0.23
N CYS A 10 -1.85 4.32 -1.07
CA CYS A 10 -1.35 4.32 -2.43
C CYS A 10 -2.44 4.73 -3.40
N PRO A 11 -2.13 4.75 -4.71
CA PRO A 11 -3.07 5.13 -5.75
C PRO A 11 -4.01 3.97 -6.12
N SER A 12 -5.06 4.28 -6.86
CA SER A 12 -6.02 3.26 -7.28
C SER A 12 -5.31 2.10 -7.97
N ASN A 13 -5.90 0.91 -7.85
CA ASN A 13 -5.32 -0.29 -8.47
C ASN A 13 -4.13 -0.83 -7.69
N GLN A 14 -3.76 -0.15 -6.59
CA GLN A 14 -2.64 -0.57 -5.77
C GLN A 14 -3.11 -1.03 -4.40
N ALA A 15 -2.19 -1.58 -3.61
CA ALA A 15 -2.52 -2.06 -2.27
C ALA A 15 -1.39 -1.78 -1.29
N CYS A 16 -1.64 -2.08 -0.02
CA CYS A 16 -0.65 -1.87 1.03
C CYS A 16 -0.25 -3.20 1.66
N VAL A 17 0.53 -3.98 0.93
CA VAL A 17 0.99 -5.27 1.41
C VAL A 17 2.38 -5.16 2.00
N ASN A 18 2.68 -5.99 3.00
CA ASN A 18 3.99 -5.96 3.64
C ASN A 18 4.31 -4.54 4.10
N GLN A 19 3.31 -3.87 4.66
CA GLN A 19 3.47 -2.51 5.15
C GLN A 19 4.09 -1.61 4.07
N LYS A 20 3.70 -1.87 2.82
CA LYS A 20 4.21 -1.07 1.70
C LYS A 20 3.26 -1.12 0.51
N CYS A 21 3.44 -0.18 -0.41
CA CYS A 21 2.62 -0.10 -1.60
C CYS A 21 3.07 -1.09 -2.66
N ARG A 22 2.16 -1.96 -3.09
CA ARG A 22 2.46 -2.96 -4.10
C ARG A 22 1.21 -3.37 -4.86
N ASP A 23 1.34 -4.38 -5.70
CA ASP A 23 0.21 -4.87 -6.50
C ASP A 23 -0.31 -6.19 -5.93
N PRO A 24 -1.62 -6.26 -5.60
CA PRO A 24 -2.22 -7.47 -5.05
C PRO A 24 -2.59 -8.47 -6.14
N ARG A 1 10.05 0.35 10.35
CA ARG A 1 9.37 1.50 9.70
C ARG A 1 8.70 1.08 8.40
N PRO A 2 7.43 0.66 8.46
CA PRO A 2 6.69 0.23 7.27
C PRO A 2 6.70 1.29 6.17
N GLU A 3 6.40 0.86 4.96
CA GLU A 3 6.37 1.76 3.81
C GLU A 3 4.95 2.30 3.59
N CYS A 4 3.97 1.66 4.23
CA CYS A 4 2.59 2.09 4.09
C CYS A 4 1.77 1.73 5.33
N VAL A 5 0.50 2.12 5.31
CA VAL A 5 -0.41 1.84 6.42
C VAL A 5 -1.76 1.36 5.90
N LEU A 6 -2.56 2.30 5.42
CA LEU A 6 -3.88 1.98 4.90
C LEU A 6 -3.83 1.66 3.41
N ASN A 7 -4.82 0.93 2.92
CA ASN A 7 -4.90 0.55 1.52
C ASN A 7 -5.06 1.79 0.65
N SER A 8 -6.01 2.63 1.03
CA SER A 8 -6.29 3.87 0.29
C SER A 8 -5.02 4.70 0.13
N ASP A 9 -4.02 4.45 0.99
CA ASP A 9 -2.76 5.19 0.93
C ASP A 9 -2.31 5.44 -0.51
N CYS A 10 -2.52 4.44 -1.37
CA CYS A 10 -2.13 4.56 -2.76
C CYS A 10 -3.38 4.73 -3.64
N PRO A 11 -3.20 4.81 -4.97
CA PRO A 11 -4.30 4.99 -5.92
C PRO A 11 -4.85 3.66 -6.42
N SER A 12 -5.89 3.74 -7.24
CA SER A 12 -6.53 2.55 -7.79
C SER A 12 -5.56 1.79 -8.70
N ASN A 13 -4.60 1.10 -8.10
CA ASN A 13 -3.60 0.34 -8.84
C ASN A 13 -2.69 -0.42 -7.89
N GLN A 14 -2.33 0.24 -6.79
CA GLN A 14 -1.45 -0.37 -5.80
C GLN A 14 -2.21 -0.67 -4.51
N ALA A 15 -1.52 -1.26 -3.54
CA ALA A 15 -2.14 -1.60 -2.27
C ALA A 15 -1.10 -1.69 -1.15
N CYS A 16 -1.54 -1.47 0.09
CA CYS A 16 -0.65 -1.52 1.24
C CYS A 16 -0.43 -2.96 1.68
N VAL A 17 0.27 -3.72 0.85
CA VAL A 17 0.56 -5.12 1.15
C VAL A 17 1.98 -5.27 1.68
N ASN A 18 2.15 -6.15 2.66
CA ASN A 18 3.46 -6.38 3.26
C ASN A 18 4.02 -5.09 3.84
N GLN A 19 3.16 -4.33 4.51
CA GLN A 19 3.56 -3.08 5.11
C GLN A 19 4.20 -2.14 4.09
N LYS A 20 3.89 -2.36 2.82
CA LYS A 20 4.44 -1.55 1.75
C LYS A 20 3.42 -1.37 0.62
N CYS A 21 3.51 -0.24 -0.08
CA CYS A 21 2.59 0.04 -1.18
C CYS A 21 3.09 -0.58 -2.48
N ARG A 22 2.45 -1.67 -2.90
CA ARG A 22 2.83 -2.36 -4.13
C ARG A 22 1.62 -3.07 -4.74
N ASP A 23 1.84 -3.73 -5.88
CA ASP A 23 0.78 -4.45 -6.56
C ASP A 23 0.42 -5.74 -5.82
N PRO A 24 -0.82 -5.86 -5.34
CA PRO A 24 -1.27 -7.06 -4.62
C PRO A 24 -1.23 -8.32 -5.48
N ARG A 1 8.60 1.28 11.72
CA ARG A 1 8.69 2.38 10.72
C ARG A 1 8.33 1.89 9.32
N PRO A 2 7.04 1.60 9.08
CA PRO A 2 6.56 1.12 7.78
C PRO A 2 6.45 2.23 6.76
N GLU A 3 6.27 1.86 5.49
CA GLU A 3 6.15 2.84 4.42
C GLU A 3 4.69 3.02 4.03
N CYS A 4 3.88 1.99 4.26
CA CYS A 4 2.46 2.05 3.93
C CYS A 4 1.63 1.35 5.00
N VAL A 5 0.37 1.75 5.13
CA VAL A 5 -0.53 1.16 6.12
C VAL A 5 -1.85 0.71 5.49
N LEU A 6 -2.67 1.67 5.09
CA LEU A 6 -3.96 1.38 4.48
C LEU A 6 -3.83 1.27 2.96
N ASN A 7 -4.81 0.62 2.35
CA ASN A 7 -4.83 0.44 0.89
C ASN A 7 -4.91 1.78 0.19
N SER A 8 -5.75 2.67 0.71
CA SER A 8 -5.91 4.00 0.13
C SER A 8 -4.59 4.75 0.06
N ASP A 9 -3.60 4.31 0.85
CA ASP A 9 -2.29 4.93 0.88
C ASP A 9 -1.79 5.20 -0.54
N CYS A 10 -1.99 4.23 -1.43
CA CYS A 10 -1.56 4.35 -2.81
C CYS A 10 -2.73 4.82 -3.67
N PRO A 11 -2.56 4.91 -5.01
CA PRO A 11 -3.61 5.35 -5.91
C PRO A 11 -4.53 4.21 -6.33
N SER A 12 -5.72 4.55 -6.82
CA SER A 12 -6.68 3.57 -7.26
C SER A 12 -6.08 2.60 -8.27
N ASN A 13 -5.46 1.53 -7.76
CA ASN A 13 -4.82 0.52 -8.61
C ASN A 13 -3.95 -0.40 -7.77
N GLN A 14 -3.10 0.19 -6.95
CA GLN A 14 -2.20 -0.58 -6.09
C GLN A 14 -2.86 -0.89 -4.76
N ALA A 15 -2.17 -1.68 -3.94
CA ALA A 15 -2.68 -2.06 -2.63
C ALA A 15 -1.61 -1.89 -1.56
N CYS A 16 -2.01 -1.96 -0.30
CA CYS A 16 -1.09 -1.81 0.81
C CYS A 16 -0.86 -3.16 1.49
N VAL A 17 0.38 -3.64 1.44
CA VAL A 17 0.74 -4.91 2.05
C VAL A 17 2.22 -4.93 2.41
N ASN A 18 2.55 -5.72 3.43
CA ASN A 18 3.93 -5.83 3.88
C ASN A 18 4.48 -4.47 4.28
N GLN A 19 3.71 -3.74 5.08
CA GLN A 19 4.12 -2.42 5.54
C GLN A 19 4.60 -1.56 4.37
N LYS A 20 4.07 -1.84 3.19
CA LYS A 20 4.44 -1.11 1.99
C LYS A 20 3.38 -1.27 0.89
N CYS A 21 3.62 -0.63 -0.26
CA CYS A 21 2.69 -0.72 -1.37
C CYS A 21 3.18 -1.70 -2.43
N ARG A 22 2.25 -2.37 -3.10
CA ARG A 22 2.60 -3.33 -4.14
C ARG A 22 1.48 -3.43 -5.18
N ASP A 23 1.80 -4.04 -6.31
CA ASP A 23 0.84 -4.21 -7.40
C ASP A 23 0.06 -5.51 -7.24
N PRO A 24 -1.20 -5.44 -6.80
CA PRO A 24 -2.04 -6.62 -6.60
C PRO A 24 -2.37 -7.32 -7.92
N ARG A 1 9.65 1.81 11.10
CA ARG A 1 8.81 2.67 10.23
C ARG A 1 8.49 1.97 8.90
N PRO A 2 7.24 1.52 8.71
CA PRO A 2 6.83 0.84 7.47
C PRO A 2 6.80 1.78 6.28
N GLU A 3 6.50 1.24 5.11
CA GLU A 3 6.44 2.03 3.88
C GLU A 3 4.99 2.41 3.54
N CYS A 4 4.04 1.65 4.09
CA CYS A 4 2.63 1.91 3.83
C CYS A 4 1.76 1.37 4.97
N VAL A 5 0.56 1.92 5.11
CA VAL A 5 -0.35 1.49 6.16
C VAL A 5 -1.68 0.98 5.58
N LEU A 6 -2.51 1.89 5.11
CA LEU A 6 -3.80 1.53 4.54
C LEU A 6 -3.75 1.50 3.01
N ASN A 7 -4.65 0.73 2.41
CA ASN A 7 -4.71 0.62 0.96
C ASN A 7 -4.98 1.99 0.34
N SER A 8 -5.81 2.78 1.02
CA SER A 8 -6.14 4.12 0.54
C SER A 8 -4.89 4.97 0.37
N ASP A 9 -3.81 4.57 1.07
CA ASP A 9 -2.55 5.30 0.98
C ASP A 9 -2.16 5.56 -0.47
N CYS A 10 -2.28 4.52 -1.29
CA CYS A 10 -1.94 4.63 -2.71
C CYS A 10 -3.22 4.62 -3.55
N PRO A 11 -3.11 4.74 -4.88
CA PRO A 11 -4.27 4.76 -5.77
C PRO A 11 -4.84 3.35 -5.98
N SER A 12 -6.01 3.28 -6.60
CA SER A 12 -6.66 2.00 -6.87
C SER A 12 -5.69 1.00 -7.48
N ASN A 13 -5.02 1.42 -8.54
CA ASN A 13 -4.07 0.55 -9.23
C ASN A 13 -3.03 -0.04 -8.26
N GLN A 14 -2.84 0.63 -7.13
CA GLN A 14 -1.88 0.17 -6.13
C GLN A 14 -2.60 -0.43 -4.93
N ALA A 15 -1.82 -0.81 -3.91
CA ALA A 15 -2.38 -1.40 -2.70
C ALA A 15 -1.36 -1.37 -1.57
N CYS A 16 -1.82 -1.74 -0.37
CA CYS A 16 -0.94 -1.77 0.80
C CYS A 16 -0.73 -3.22 1.25
N VAL A 17 0.44 -3.75 0.94
CA VAL A 17 0.77 -5.12 1.30
C VAL A 17 2.16 -5.20 1.94
N ASN A 18 2.26 -5.97 3.03
CA ASN A 18 3.51 -6.14 3.75
C ASN A 18 4.07 -4.80 4.21
N GLN A 19 3.26 -4.04 4.94
CA GLN A 19 3.68 -2.74 5.45
C GLN A 19 4.39 -1.92 4.38
N LYS A 20 4.02 -2.15 3.12
CA LYS A 20 4.64 -1.43 2.00
C LYS A 20 3.70 -1.40 0.80
N CYS A 21 3.52 -0.21 0.23
CA CYS A 21 2.66 -0.04 -0.93
C CYS A 21 3.12 -0.93 -2.09
N ARG A 22 2.17 -1.62 -2.71
CA ARG A 22 2.48 -2.49 -3.83
C ARG A 22 1.23 -2.86 -4.61
N ASP A 23 1.42 -3.25 -5.87
CA ASP A 23 0.30 -3.62 -6.73
C ASP A 23 -0.44 -4.84 -6.16
N PRO A 24 -1.78 -4.77 -6.10
CA PRO A 24 -2.60 -5.88 -5.59
C PRO A 24 -2.57 -7.10 -6.51
N ARG A 1 11.56 0.78 8.85
CA ARG A 1 10.20 1.36 9.04
C ARG A 1 9.28 0.97 7.89
N PRO A 2 7.95 1.09 8.09
CA PRO A 2 6.96 0.76 7.06
C PRO A 2 6.89 1.82 5.97
N GLU A 3 6.28 1.46 4.85
CA GLU A 3 6.14 2.38 3.72
C GLU A 3 4.71 2.89 3.60
N CYS A 4 3.76 2.11 4.11
CA CYS A 4 2.35 2.49 4.05
C CYS A 4 1.55 1.73 5.10
N VAL A 5 0.24 1.94 5.10
CA VAL A 5 -0.64 1.27 6.05
C VAL A 5 -1.72 0.47 5.32
N LEU A 6 -2.62 1.18 4.65
CA LEU A 6 -3.70 0.53 3.90
C LEU A 6 -3.56 0.85 2.43
N ASN A 7 -4.57 0.45 1.68
CA ASN A 7 -4.59 0.72 0.25
C ASN A 7 -4.82 2.21 0.01
N SER A 8 -5.24 2.93 1.07
CA SER A 8 -5.48 4.36 0.96
C SER A 8 -4.17 5.11 0.73
N ASP A 9 -3.07 4.54 1.24
CA ASP A 9 -1.77 5.15 1.09
C ASP A 9 -1.45 5.39 -0.38
N CYS A 10 -1.98 4.53 -1.25
CA CYS A 10 -1.75 4.64 -2.68
C CYS A 10 -3.09 4.90 -3.40
N PRO A 11 -3.06 4.98 -4.73
CA PRO A 11 -4.24 5.24 -5.54
C PRO A 11 -4.95 3.94 -5.97
N SER A 12 -6.15 4.08 -6.51
CA SER A 12 -6.92 2.93 -6.96
C SER A 12 -6.19 2.19 -8.07
N ASN A 13 -5.36 1.23 -7.66
CA ASN A 13 -4.59 0.43 -8.61
C ASN A 13 -3.55 -0.41 -7.87
N GLN A 14 -2.99 0.16 -6.82
CA GLN A 14 -1.99 -0.52 -6.02
C GLN A 14 -2.56 -0.90 -4.65
N ALA A 15 -1.82 -1.70 -3.91
CA ALA A 15 -2.27 -2.14 -2.58
C ALA A 15 -1.11 -2.13 -1.60
N CYS A 16 -1.43 -1.83 -0.34
CA CYS A 16 -0.42 -1.79 0.71
C CYS A 16 -0.28 -3.14 1.40
N VAL A 17 0.73 -3.91 0.97
CA VAL A 17 0.97 -5.23 1.54
C VAL A 17 2.12 -5.18 2.53
N ASN A 18 1.88 -5.65 3.74
CA ASN A 18 2.90 -5.65 4.78
C ASN A 18 3.54 -4.28 4.91
N GLN A 19 2.70 -3.25 5.02
CA GLN A 19 3.17 -1.89 5.15
C GLN A 19 4.05 -1.49 3.97
N LYS A 20 3.67 -1.95 2.78
CA LYS A 20 4.43 -1.65 1.56
C LYS A 20 3.50 -1.67 0.35
N CYS A 21 3.52 -0.58 -0.42
CA CYS A 21 2.68 -0.46 -1.61
C CYS A 21 3.23 -1.32 -2.75
N ARG A 22 2.38 -2.20 -3.28
CA ARG A 22 2.77 -3.07 -4.39
C ARG A 22 1.77 -2.97 -5.53
N ASP A 23 1.99 -3.75 -6.57
CA ASP A 23 1.10 -3.76 -7.73
C ASP A 23 0.50 -5.13 -7.95
N PRO A 24 -0.28 -5.63 -6.98
CA PRO A 24 -0.92 -6.95 -7.08
C PRO A 24 -1.92 -7.02 -8.23
N ARG A 1 9.61 2.16 10.44
CA ARG A 1 8.95 3.15 9.54
C ARG A 1 8.42 2.49 8.27
N PRO A 2 7.11 2.19 8.22
CA PRO A 2 6.50 1.55 7.05
C PRO A 2 6.31 2.53 5.90
N GLU A 3 6.28 2.00 4.68
CA GLU A 3 6.10 2.82 3.50
C GLU A 3 4.65 3.29 3.37
N CYS A 4 3.72 2.38 3.69
CA CYS A 4 2.30 2.71 3.62
C CYS A 4 1.53 1.97 4.71
N VAL A 5 0.20 2.04 4.63
CA VAL A 5 -0.65 1.38 5.61
C VAL A 5 -1.94 0.88 4.97
N LEU A 6 -2.83 1.80 4.62
CA LEU A 6 -4.10 1.44 4.00
C LEU A 6 -3.97 1.28 2.50
N ASN A 7 -4.80 0.42 1.92
CA ASN A 7 -4.79 0.19 0.48
C ASN A 7 -5.00 1.50 -0.26
N SER A 8 -6.08 2.20 0.08
CA SER A 8 -6.41 3.47 -0.56
C SER A 8 -5.31 4.49 -0.32
N ASP A 9 -4.50 4.26 0.72
CA ASP A 9 -3.40 5.16 1.05
C ASP A 9 -2.60 5.53 -0.18
N CYS A 10 -2.40 4.57 -1.08
CA CYS A 10 -1.64 4.79 -2.30
C CYS A 10 -2.57 5.04 -3.48
N PRO A 11 -2.02 5.25 -4.68
CA PRO A 11 -2.79 5.50 -5.89
C PRO A 11 -3.11 4.22 -6.66
N SER A 12 -3.68 4.39 -7.85
CA SER A 12 -4.04 3.25 -8.69
C SER A 12 -4.71 2.14 -7.90
N ASN A 13 -5.44 2.52 -6.86
CA ASN A 13 -6.14 1.56 -6.01
C ASN A 13 -5.23 0.40 -5.62
N GLN A 14 -3.93 0.67 -5.57
CA GLN A 14 -2.96 -0.36 -5.21
C GLN A 14 -3.28 -0.95 -3.84
N ALA A 15 -2.55 -1.99 -3.45
CA ALA A 15 -2.78 -2.64 -2.16
C ALA A 15 -1.56 -2.51 -1.26
N CYS A 16 -1.81 -2.35 0.04
CA CYS A 16 -0.73 -2.21 1.01
C CYS A 16 -0.44 -3.54 1.70
N VAL A 17 0.71 -4.11 1.38
CA VAL A 17 1.13 -5.38 1.96
C VAL A 17 2.61 -5.33 2.34
N ASN A 18 2.93 -5.85 3.53
CA ASN A 18 4.30 -5.87 4.01
C ASN A 18 4.79 -4.43 4.23
N GLN A 19 3.95 -3.63 4.89
CA GLN A 19 4.28 -2.24 5.16
C GLN A 19 4.64 -1.49 3.88
N LYS A 20 4.23 -2.02 2.74
CA LYS A 20 4.50 -1.41 1.45
C LYS A 20 3.35 -1.66 0.47
N CYS A 21 3.21 -0.79 -0.51
CA CYS A 21 2.14 -0.94 -1.49
C CYS A 21 2.60 -1.79 -2.68
N ARG A 22 1.63 -2.37 -3.38
CA ARG A 22 1.93 -3.21 -4.54
C ARG A 22 0.66 -3.50 -5.34
N ASP A 23 0.83 -4.04 -6.55
CA ASP A 23 -0.30 -4.35 -7.40
C ASP A 23 -1.10 -5.53 -6.83
N PRO A 24 -2.43 -5.39 -6.73
CA PRO A 24 -3.29 -6.45 -6.20
C PRO A 24 -3.52 -7.57 -7.20
N ARG A 1 8.97 2.03 10.83
CA ARG A 1 8.54 3.02 9.80
C ARG A 1 8.15 2.33 8.50
N PRO A 2 6.84 2.05 8.33
CA PRO A 2 6.34 1.40 7.12
C PRO A 2 6.17 2.37 5.96
N GLU A 3 6.16 1.84 4.75
CA GLU A 3 6.00 2.68 3.56
C GLU A 3 4.53 2.88 3.23
N CYS A 4 3.67 2.01 3.77
CA CYS A 4 2.23 2.09 3.52
C CYS A 4 1.43 1.66 4.75
N VAL A 5 0.19 2.13 4.81
CA VAL A 5 -0.70 1.79 5.92
C VAL A 5 -2.01 1.20 5.39
N LEU A 6 -2.83 2.06 4.81
CA LEU A 6 -4.11 1.64 4.25
C LEU A 6 -3.98 1.35 2.75
N ASN A 7 -4.90 0.57 2.22
CA ASN A 7 -4.87 0.23 0.80
C ASN A 7 -5.07 1.49 -0.04
N SER A 8 -6.13 2.24 0.25
CA SER A 8 -6.45 3.46 -0.48
C SER A 8 -5.38 4.55 -0.27
N ASP A 9 -4.44 4.33 0.64
CA ASP A 9 -3.40 5.31 0.90
C ASP A 9 -2.53 5.51 -0.34
N CYS A 10 -2.42 4.48 -1.17
CA CYS A 10 -1.61 4.57 -2.38
C CYS A 10 -2.47 4.85 -3.59
N PRO A 11 -1.86 4.97 -4.78
CA PRO A 11 -2.55 5.24 -6.03
C PRO A 11 -2.92 3.97 -6.78
N SER A 12 -3.45 4.13 -7.99
CA SER A 12 -3.84 2.99 -8.81
C SER A 12 -4.59 1.94 -8.01
N ASN A 13 -5.28 2.38 -6.96
CA ASN A 13 -6.04 1.48 -6.11
C ASN A 13 -5.17 0.32 -5.63
N GLN A 14 -3.86 0.57 -5.55
CA GLN A 14 -2.92 -0.45 -5.10
C GLN A 14 -3.32 -1.00 -3.74
N ALA A 15 -2.52 -1.94 -3.23
CA ALA A 15 -2.80 -2.55 -1.93
C ALA A 15 -1.66 -2.33 -0.96
N CYS A 16 -1.95 -2.50 0.32
CA CYS A 16 -0.95 -2.33 1.37
C CYS A 16 -0.39 -3.67 1.82
N VAL A 17 0.59 -4.18 1.09
CA VAL A 17 1.21 -5.45 1.41
C VAL A 17 2.66 -5.26 1.83
N ASN A 18 3.10 -6.01 2.83
CA ASN A 18 4.46 -5.91 3.32
C ASN A 18 4.76 -4.49 3.78
N GLN A 19 3.82 -3.92 4.55
CA GLN A 19 3.97 -2.57 5.08
C GLN A 19 4.42 -1.60 3.99
N LYS A 20 3.93 -1.83 2.78
CA LYS A 20 4.28 -0.97 1.64
C LYS A 20 3.27 -1.13 0.52
N CYS A 21 3.21 -0.14 -0.37
CA CYS A 21 2.30 -0.18 -1.49
C CYS A 21 2.74 -1.19 -2.54
N ARG A 22 1.78 -1.97 -3.04
CA ARG A 22 2.06 -2.96 -4.07
C ARG A 22 0.77 -3.48 -4.67
N ASP A 23 0.81 -3.77 -5.98
CA ASP A 23 -0.36 -4.27 -6.68
C ASP A 23 -0.97 -5.47 -5.94
N PRO A 24 -2.31 -5.49 -5.81
CA PRO A 24 -3.00 -6.58 -5.11
C PRO A 24 -2.68 -7.95 -5.70
N ARG A 1 9.22 0.48 10.95
CA ARG A 1 8.82 1.68 10.15
C ARG A 1 8.11 1.26 8.86
N PRO A 2 6.77 1.14 8.90
CA PRO A 2 5.98 0.75 7.74
C PRO A 2 5.86 1.89 6.73
N GLU A 3 5.86 1.53 5.45
CA GLU A 3 5.74 2.52 4.39
C GLU A 3 4.29 2.94 4.20
N CYS A 4 3.38 2.02 4.52
CA CYS A 4 1.95 2.29 4.40
C CYS A 4 1.17 1.49 5.43
N VAL A 5 -0.15 1.67 5.45
CA VAL A 5 -1.00 0.96 6.39
C VAL A 5 -2.33 0.63 5.74
N LEU A 6 -2.91 1.62 5.08
CA LEU A 6 -4.18 1.46 4.41
C LEU A 6 -4.00 1.44 2.90
N ASN A 7 -4.99 0.92 2.19
CA ASN A 7 -4.94 0.88 0.74
C ASN A 7 -4.93 2.29 0.18
N SER A 8 -5.47 3.23 0.96
CA SER A 8 -5.52 4.63 0.55
C SER A 8 -4.12 5.18 0.36
N ASP A 9 -3.14 4.52 0.95
CA ASP A 9 -1.75 4.96 0.84
C ASP A 9 -1.39 5.24 -0.62
N CYS A 10 -1.84 4.35 -1.50
CA CYS A 10 -1.58 4.48 -2.92
C CYS A 10 -2.90 4.53 -3.69
N PRO A 11 -2.85 4.62 -5.03
CA PRO A 11 -4.04 4.68 -5.86
C PRO A 11 -4.78 3.34 -5.92
N SER A 12 -6.04 3.37 -6.30
CA SER A 12 -6.85 2.16 -6.38
C SER A 12 -6.09 1.04 -7.11
N ASN A 13 -5.23 1.44 -8.04
CA ASN A 13 -4.45 0.49 -8.82
C ASN A 13 -3.48 -0.27 -7.93
N GLN A 14 -2.87 0.43 -6.97
CA GLN A 14 -1.91 -0.18 -6.06
C GLN A 14 -2.59 -0.62 -4.76
N ALA A 15 -1.80 -1.17 -3.84
CA ALA A 15 -2.32 -1.64 -2.56
C ALA A 15 -1.26 -1.60 -1.48
N CYS A 16 -1.70 -1.64 -0.23
CA CYS A 16 -0.79 -1.61 0.91
C CYS A 16 -0.52 -3.02 1.42
N VAL A 17 0.51 -3.66 0.87
CA VAL A 17 0.87 -5.01 1.27
C VAL A 17 2.27 -5.04 1.89
N ASN A 18 2.45 -5.89 2.90
CA ASN A 18 3.74 -5.99 3.58
C ASN A 18 4.18 -4.63 4.07
N GLN A 19 3.27 -3.90 4.70
CA GLN A 19 3.57 -2.58 5.23
C GLN A 19 4.22 -1.70 4.16
N LYS A 20 3.94 -2.02 2.90
CA LYS A 20 4.50 -1.27 1.78
C LYS A 20 3.50 -1.17 0.62
N CYS A 21 3.83 -0.35 -0.36
CA CYS A 21 2.96 -0.17 -1.53
C CYS A 21 3.28 -1.21 -2.60
N ARG A 22 2.23 -1.70 -3.27
CA ARG A 22 2.42 -2.70 -4.31
C ARG A 22 1.08 -3.09 -4.93
N ASP A 23 1.13 -3.70 -6.11
CA ASP A 23 -0.09 -4.11 -6.82
C ASP A 23 -0.88 -5.10 -5.98
N PRO A 24 -2.22 -4.98 -5.98
CA PRO A 24 -3.10 -5.86 -5.22
C PRO A 24 -3.41 -7.16 -5.96
N ARG A 1 10.80 -0.35 9.59
CA ARG A 1 9.73 0.67 9.49
C ARG A 1 8.76 0.36 8.36
N PRO A 2 7.50 0.79 8.49
CA PRO A 2 6.47 0.55 7.48
C PRO A 2 6.50 1.58 6.36
N GLU A 3 5.98 1.21 5.21
CA GLU A 3 5.93 2.10 4.05
C GLU A 3 4.54 2.67 3.86
N CYS A 4 3.54 1.98 4.38
CA CYS A 4 2.15 2.42 4.26
C CYS A 4 1.27 1.80 5.34
N VAL A 5 -0.01 2.13 5.32
CA VAL A 5 -0.96 1.59 6.30
C VAL A 5 -2.05 0.79 5.60
N LEU A 6 -2.86 1.47 4.82
CA LEU A 6 -3.95 0.82 4.08
C LEU A 6 -3.83 1.15 2.61
N ASN A 7 -4.85 0.77 1.86
CA ASN A 7 -4.89 1.06 0.44
C ASN A 7 -4.93 2.57 0.23
N SER A 8 -5.29 3.31 1.27
CA SER A 8 -5.36 4.77 1.18
C SER A 8 -4.00 5.35 0.84
N ASP A 9 -2.95 4.70 1.31
CA ASP A 9 -1.59 5.17 1.06
C ASP A 9 -1.34 5.33 -0.43
N CYS A 10 -1.85 4.40 -1.23
CA CYS A 10 -1.68 4.44 -2.67
C CYS A 10 -3.03 4.49 -3.36
N PRO A 11 -3.06 4.46 -4.71
CA PRO A 11 -4.28 4.49 -5.48
C PRO A 11 -4.89 3.10 -5.64
N SER A 12 -6.12 3.05 -6.15
CA SER A 12 -6.81 1.78 -6.36
C SER A 12 -5.93 0.79 -7.11
N ASN A 13 -5.36 1.25 -8.23
CA ASN A 13 -4.50 0.41 -9.06
C ASN A 13 -3.45 -0.31 -8.22
N GLN A 14 -3.06 0.31 -7.11
CA GLN A 14 -2.06 -0.28 -6.22
C GLN A 14 -2.67 -0.66 -4.88
N ALA A 15 -1.81 -1.06 -3.94
CA ALA A 15 -2.25 -1.46 -2.61
C ALA A 15 -1.10 -1.43 -1.62
N CYS A 16 -1.41 -1.64 -0.34
CA CYS A 16 -0.40 -1.64 0.70
C CYS A 16 -0.08 -3.06 1.15
N VAL A 17 0.83 -3.71 0.43
CA VAL A 17 1.23 -5.08 0.75
C VAL A 17 2.34 -5.09 1.78
N ASN A 18 2.17 -5.89 2.83
CA ASN A 18 3.17 -5.99 3.90
C ASN A 18 3.60 -4.61 4.37
N GLN A 19 2.63 -3.77 4.68
CA GLN A 19 2.90 -2.42 5.15
C GLN A 19 3.77 -1.66 4.15
N LYS A 20 3.73 -2.07 2.90
CA LYS A 20 4.50 -1.41 1.85
C LYS A 20 3.75 -1.43 0.53
N CYS A 21 3.63 -0.25 -0.10
CA CYS A 21 2.94 -0.13 -1.37
C CYS A 21 3.47 -1.13 -2.38
N ARG A 22 2.56 -1.78 -3.11
CA ARG A 22 2.95 -2.77 -4.11
C ARG A 22 1.82 -3.00 -5.11
N ASP A 23 2.03 -3.94 -6.02
CA ASP A 23 1.02 -4.26 -7.03
C ASP A 23 0.49 -5.67 -6.82
N PRO A 24 -0.69 -5.81 -6.18
CA PRO A 24 -1.31 -7.11 -5.91
C PRO A 24 -1.80 -7.79 -7.18
N ARG A 1 11.76 1.98 7.75
CA ARG A 1 10.38 2.51 7.88
C ARG A 1 9.46 1.95 6.80
N PRO A 2 8.14 1.88 7.08
CA PRO A 2 7.16 1.37 6.13
C PRO A 2 6.85 2.36 5.01
N GLU A 3 6.30 1.86 3.92
CA GLU A 3 5.95 2.71 2.78
C GLU A 3 4.53 3.23 2.91
N CYS A 4 3.66 2.44 3.53
CA CYS A 4 2.26 2.83 3.72
C CYS A 4 1.59 1.93 4.75
N VAL A 5 0.33 2.22 5.06
CA VAL A 5 -0.42 1.43 6.03
C VAL A 5 -1.69 0.86 5.40
N LEU A 6 -2.65 1.74 5.13
CA LEU A 6 -3.92 1.32 4.54
C LEU A 6 -3.84 1.35 3.02
N ASN A 7 -4.66 0.54 2.37
CA ASN A 7 -4.68 0.49 0.91
C ASN A 7 -4.93 1.88 0.35
N SER A 8 -6.01 2.51 0.81
CA SER A 8 -6.36 3.85 0.37
C SER A 8 -5.15 4.77 0.38
N ASP A 9 -4.19 4.47 1.26
CA ASP A 9 -2.98 5.26 1.36
C ASP A 9 -2.36 5.50 -0.02
N CYS A 10 -1.98 4.40 -0.67
CA CYS A 10 -1.38 4.48 -2.00
C CYS A 10 -2.41 4.38 -3.11
N PRO A 11 -2.02 4.77 -4.33
CA PRO A 11 -2.86 4.72 -5.52
C PRO A 11 -3.76 3.48 -5.54
N SER A 12 -4.98 3.67 -6.02
CA SER A 12 -5.94 2.58 -6.11
C SER A 12 -5.40 1.40 -6.93
N ASN A 13 -4.76 1.74 -8.05
CA ASN A 13 -4.21 0.73 -8.94
C ASN A 13 -3.42 -0.32 -8.15
N GLN A 14 -2.88 0.08 -7.00
CA GLN A 14 -2.10 -0.83 -6.17
C GLN A 14 -2.66 -0.90 -4.75
N ALA A 15 -2.30 -1.96 -4.03
CA ALA A 15 -2.76 -2.16 -2.67
C ALA A 15 -1.62 -2.01 -1.68
N CYS A 16 -1.94 -1.58 -0.46
CA CYS A 16 -0.93 -1.42 0.59
C CYS A 16 -0.79 -2.69 1.42
N VAL A 17 0.17 -3.53 1.05
CA VAL A 17 0.42 -4.77 1.76
C VAL A 17 1.90 -4.93 2.08
N ASN A 18 2.19 -5.57 3.22
CA ASN A 18 3.56 -5.77 3.65
C ASN A 18 4.21 -4.44 3.98
N GLN A 19 3.47 -3.57 4.66
CA GLN A 19 3.96 -2.26 5.04
C GLN A 19 4.38 -1.43 3.81
N LYS A 20 3.93 -1.87 2.64
CA LYS A 20 4.25 -1.16 1.39
C LYS A 20 3.17 -1.40 0.35
N CYS A 21 3.26 -0.72 -0.78
CA CYS A 21 2.28 -0.88 -1.85
C CYS A 21 2.85 -1.67 -3.02
N ARG A 22 2.05 -2.58 -3.56
CA ARG A 22 2.47 -3.40 -4.69
C ARG A 22 1.28 -3.77 -5.58
N ASP A 23 1.55 -4.52 -6.63
CA ASP A 23 0.51 -4.93 -7.57
C ASP A 23 -0.14 -6.24 -7.11
N PRO A 24 -1.43 -6.19 -6.70
CA PRO A 24 -2.15 -7.38 -6.23
C PRO A 24 -2.61 -8.26 -7.40
N ARG A 1 9.84 0.67 10.61
CA ARG A 1 9.68 1.78 9.62
C ARG A 1 8.96 1.30 8.37
N PRO A 2 7.62 1.15 8.45
CA PRO A 2 6.79 0.70 7.32
C PRO A 2 6.79 1.71 6.18
N GLU A 3 6.19 1.32 5.06
CA GLU A 3 6.11 2.19 3.88
C GLU A 3 4.70 2.76 3.73
N CYS A 4 3.70 1.96 4.13
CA CYS A 4 2.31 2.38 4.04
C CYS A 4 1.46 1.71 5.12
N VAL A 5 0.23 2.21 5.29
CA VAL A 5 -0.67 1.65 6.29
C VAL A 5 -1.94 1.12 5.64
N LEU A 6 -2.78 2.02 5.15
CA LEU A 6 -4.03 1.64 4.51
C LEU A 6 -3.89 1.61 2.99
N ASN A 7 -4.63 0.73 2.34
CA ASN A 7 -4.58 0.63 0.89
C ASN A 7 -4.85 1.99 0.26
N SER A 8 -5.95 2.62 0.70
CA SER A 8 -6.33 3.93 0.20
C SER A 8 -5.14 4.88 0.15
N ASP A 9 -4.15 4.64 1.00
CA ASP A 9 -2.95 5.47 1.04
C ASP A 9 -2.46 5.78 -0.37
N CYS A 10 -2.10 4.72 -1.11
CA CYS A 10 -1.62 4.87 -2.46
C CYS A 10 -2.72 4.64 -3.49
N PRO A 11 -2.47 5.06 -4.74
CA PRO A 11 -3.40 4.90 -5.85
C PRO A 11 -4.15 3.57 -5.80
N SER A 12 -5.43 3.61 -6.13
CA SER A 12 -6.26 2.41 -6.12
C SER A 12 -5.59 1.25 -6.85
N ASN A 13 -4.80 1.60 -7.87
CA ASN A 13 -4.10 0.59 -8.67
C ASN A 13 -3.36 -0.40 -7.77
N GLN A 14 -2.52 0.12 -6.89
CA GLN A 14 -1.75 -0.71 -5.98
C GLN A 14 -2.42 -0.83 -4.61
N ALA A 15 -1.92 -1.74 -3.79
CA ALA A 15 -2.47 -1.95 -2.45
C ALA A 15 -1.36 -2.06 -1.41
N CYS A 16 -1.62 -1.56 -0.21
CA CYS A 16 -0.64 -1.62 0.86
C CYS A 16 -0.41 -3.04 1.33
N VAL A 17 0.62 -3.68 0.78
CA VAL A 17 0.95 -5.05 1.15
C VAL A 17 2.25 -5.10 1.96
N ASN A 18 2.27 -5.91 3.01
CA ASN A 18 3.44 -6.05 3.86
C ASN A 18 4.05 -4.68 4.16
N GLN A 19 3.21 -3.75 4.60
CA GLN A 19 3.66 -2.41 4.93
C GLN A 19 4.30 -1.73 3.74
N LYS A 20 3.93 -2.16 2.53
CA LYS A 20 4.49 -1.60 1.31
C LYS A 20 3.49 -1.72 0.16
N CYS A 21 3.13 -0.59 -0.44
CA CYS A 21 2.18 -0.58 -1.55
C CYS A 21 2.68 -1.44 -2.71
N ARG A 22 1.96 -2.53 -2.97
CA ARG A 22 2.33 -3.45 -4.05
C ARG A 22 1.14 -3.69 -4.97
N ASP A 23 1.42 -4.15 -6.19
CA ASP A 23 0.37 -4.43 -7.16
C ASP A 23 -0.22 -5.81 -6.92
N PRO A 24 -1.48 -5.88 -6.44
CA PRO A 24 -2.16 -7.15 -6.17
C PRO A 24 -2.64 -7.83 -7.45
N ARG A 1 11.10 1.35 9.43
CA ARG A 1 9.71 1.83 9.57
C ARG A 1 8.87 1.48 8.33
N PRO A 2 7.54 1.46 8.48
CA PRO A 2 6.63 1.14 7.37
C PRO A 2 6.53 2.27 6.35
N GLU A 3 6.32 1.91 5.10
CA GLU A 3 6.19 2.89 4.03
C GLU A 3 4.73 3.11 3.63
N CYS A 4 3.85 2.21 4.09
CA CYS A 4 2.43 2.31 3.78
C CYS A 4 1.60 1.58 4.83
N VAL A 5 0.34 2.00 4.97
CA VAL A 5 -0.56 1.39 5.94
C VAL A 5 -1.80 0.81 5.26
N LEU A 6 -2.68 1.70 4.80
CA LEU A 6 -3.90 1.29 4.12
C LEU A 6 -3.72 1.28 2.61
N ASN A 7 -4.51 0.46 1.92
CA ASN A 7 -4.44 0.37 0.48
C ASN A 7 -4.66 1.75 -0.15
N SER A 8 -5.77 2.37 0.22
CA SER A 8 -6.11 3.70 -0.30
C SER A 8 -4.90 4.64 -0.26
N ASP A 9 -3.99 4.37 0.68
CA ASP A 9 -2.79 5.19 0.82
C ASP A 9 -2.18 5.53 -0.54
N CYS A 10 -1.78 4.50 -1.28
CA CYS A 10 -1.19 4.69 -2.60
C CYS A 10 -2.25 4.79 -3.69
N PRO A 11 -1.86 5.31 -4.86
CA PRO A 11 -2.73 5.47 -6.01
C PRO A 11 -3.75 4.34 -6.16
N SER A 12 -4.97 4.71 -6.54
CA SER A 12 -6.05 3.74 -6.71
C SER A 12 -5.56 2.50 -7.46
N ASN A 13 -6.26 1.39 -7.25
CA ASN A 13 -5.91 0.12 -7.90
C ASN A 13 -4.83 -0.63 -7.12
N GLN A 14 -3.78 0.10 -6.72
CA GLN A 14 -2.69 -0.50 -5.97
C GLN A 14 -3.18 -1.03 -4.63
N ALA A 15 -2.29 -1.65 -3.87
CA ALA A 15 -2.64 -2.21 -2.56
C ALA A 15 -1.54 -1.95 -1.54
N CYS A 16 -1.87 -2.16 -0.27
CA CYS A 16 -0.90 -1.97 0.81
C CYS A 16 -0.65 -3.27 1.55
N VAL A 17 0.51 -3.87 1.31
CA VAL A 17 0.88 -5.11 1.96
C VAL A 17 2.36 -5.11 2.34
N ASN A 18 2.68 -5.81 3.43
CA ASN A 18 4.05 -5.88 3.90
C ASN A 18 4.55 -4.50 4.31
N GLN A 19 3.74 -3.78 5.08
CA GLN A 19 4.09 -2.45 5.54
C GLN A 19 4.48 -1.56 4.36
N LYS A 20 4.01 -1.90 3.18
CA LYS A 20 4.30 -1.14 1.97
C LYS A 20 3.18 -1.28 0.96
N CYS A 21 3.34 -0.67 -0.21
CA CYS A 21 2.34 -0.74 -1.26
C CYS A 21 2.88 -1.47 -2.49
N ARG A 22 1.99 -2.11 -3.24
CA ARG A 22 2.38 -2.84 -4.43
C ARG A 22 1.29 -2.80 -5.50
N ASP A 23 1.51 -3.50 -6.60
CA ASP A 23 0.55 -3.54 -7.70
C ASP A 23 -0.03 -4.94 -7.85
N PRO A 24 -1.04 -5.29 -7.04
CA PRO A 24 -1.68 -6.60 -7.10
C PRO A 24 -1.95 -7.05 -8.53
N ARG A 1 7.86 1.11 11.02
CA ARG A 1 7.23 2.18 10.19
C ARG A 1 7.08 1.74 8.75
N PRO A 2 5.92 1.16 8.40
CA PRO A 2 5.65 0.69 7.03
C PRO A 2 5.43 1.84 6.06
N GLU A 3 5.50 1.54 4.77
CA GLU A 3 5.31 2.56 3.74
C GLU A 3 3.90 3.12 3.76
N CYS A 4 2.91 2.23 3.80
CA CYS A 4 1.50 2.66 3.83
C CYS A 4 0.73 1.93 4.91
N VAL A 5 -0.51 2.36 5.11
CA VAL A 5 -1.39 1.76 6.11
C VAL A 5 -2.65 1.23 5.45
N LEU A 6 -3.49 2.14 4.98
CA LEU A 6 -4.73 1.77 4.30
C LEU A 6 -4.47 1.60 2.80
N ASN A 7 -5.22 0.70 2.18
CA ASN A 7 -5.07 0.47 0.75
C ASN A 7 -5.20 1.78 -0.01
N SER A 8 -6.30 2.49 0.21
CA SER A 8 -6.56 3.76 -0.45
C SER A 8 -5.34 4.67 -0.35
N ASP A 9 -4.54 4.46 0.69
CA ASP A 9 -3.34 5.28 0.90
C ASP A 9 -2.53 5.40 -0.38
N CYS A 10 -2.08 4.25 -0.90
CA CYS A 10 -1.29 4.24 -2.12
C CYS A 10 -2.12 4.55 -3.36
N PRO A 11 -1.44 4.76 -4.49
CA PRO A 11 -2.05 5.08 -5.77
C PRO A 11 -2.49 3.83 -6.52
N SER A 12 -2.97 4.04 -7.76
CA SER A 12 -3.42 2.94 -8.59
C SER A 12 -4.36 2.01 -7.84
N ASN A 13 -5.04 2.55 -6.83
CA ASN A 13 -5.99 1.76 -6.03
C ASN A 13 -5.35 0.44 -5.59
N GLN A 14 -4.03 0.44 -5.46
CA GLN A 14 -3.30 -0.76 -5.05
C GLN A 14 -3.54 -1.06 -3.58
N ALA A 15 -2.92 -2.12 -3.08
CA ALA A 15 -3.07 -2.51 -1.69
C ALA A 15 -1.73 -2.51 -0.95
N CYS A 16 -1.77 -2.18 0.34
CA CYS A 16 -0.57 -2.14 1.15
C CYS A 16 -0.10 -3.54 1.51
N VAL A 17 1.04 -3.95 0.95
CA VAL A 17 1.60 -5.27 1.21
C VAL A 17 3.00 -5.17 1.81
N ASN A 18 3.24 -5.95 2.85
CA ASN A 18 4.54 -5.96 3.53
C ASN A 18 5.12 -4.55 3.67
N GLN A 19 4.40 -3.68 4.37
CA GLN A 19 4.83 -2.31 4.60
C GLN A 19 4.58 -1.40 3.40
N LYS A 20 4.93 -1.87 2.21
CA LYS A 20 4.74 -1.08 0.99
C LYS A 20 3.38 -1.39 0.37
N CYS A 21 3.21 -0.99 -0.88
CA CYS A 21 1.96 -1.23 -1.59
C CYS A 21 2.20 -2.01 -2.87
N ARG A 22 1.17 -2.73 -3.32
CA ARG A 22 1.26 -3.53 -4.53
C ARG A 22 -0.12 -3.85 -5.08
N ASP A 23 -0.18 -4.26 -6.35
CA ASP A 23 -1.45 -4.61 -6.98
C ASP A 23 -2.09 -5.80 -6.29
N PRO A 24 -3.41 -5.75 -6.05
CA PRO A 24 -4.14 -6.84 -5.39
C PRO A 24 -4.38 -8.02 -6.33
#